data_7Z2I
#
_entry.id   7Z2I
#
_cell.length_a   54.552
_cell.length_b   58.299
_cell.length_c   66.855
_cell.angle_alpha   90.000
_cell.angle_beta   90.000
_cell.angle_gamma   90.000
#
_symmetry.space_group_name_H-M   'P 21 21 21'
#
loop_
_entity.id
_entity.type
_entity.pdbx_description
1 polymer 'Serine protease 1'
2 non-polymer 'DIMETHYL SULFOXIDE'
3 non-polymer 'CALCIUM ION'
4 non-polymer 5-[[3-(trifluoromethyl)phenyl]methyl]-1,4,6,7-tetrahydroimidazo[4,5-c]pyridine
5 water water
#
_entity_poly.entity_id   1
_entity_poly.type   'polypeptide(L)'
_entity_poly.pdbx_seq_one_letter_code
;IVGGYTCGANTVPYQVSLNSGYHFCGGSLINSQWVVSAAHCYKSGIQVRLGEDNINVVEGNEQFISASKSIVHPSYNSNT
LNNDIMLIKLKSAASLNSRVASISLPTSCASAGTQCLISGWGNTKSSGTSYPDVLKCLKAPILSDSSCKSAYPGQITSNM
FCAGYLEGGKDSCQGDSGGPVVCSGKLQGIVSWGSGCAQKNKPGVYTKVCNYVSWIKQTIASN
;
_entity_poly.pdbx_strand_id   A
#
loop_
_chem_comp.id
_chem_comp.type
_chem_comp.name
_chem_comp.formula
CA non-polymer 'CALCIUM ION' 'Ca 2'
DMS non-polymer 'DIMETHYL SULFOXIDE' 'C2 H6 O S'
I9O non-polymer 5-[[3-(trifluoromethyl)phenyl]methyl]-1,4,6,7-tetrahydroimidazo[4,5-c]pyridine 'C14 H14 F3 N3'
#
# COMPACT_ATOMS: atom_id res chain seq x y z
N ILE A 1 2.76 1.56 -11.02
CA ILE A 1 3.38 0.22 -11.21
C ILE A 1 4.06 0.19 -12.55
N VAL A 2 5.35 -0.11 -12.56
CA VAL A 2 6.13 -0.25 -13.78
C VAL A 2 6.30 -1.73 -14.09
N GLY A 3 6.03 -2.11 -15.32
CA GLY A 3 6.25 -3.49 -15.75
C GLY A 3 5.23 -4.48 -15.23
N GLY A 4 4.06 -3.98 -14.83
CA GLY A 4 2.98 -4.82 -14.33
C GLY A 4 1.97 -5.17 -15.40
N TYR A 5 0.77 -5.52 -14.96
CA TYR A 5 -0.31 -5.92 -15.84
C TYR A 5 -1.61 -5.30 -15.35
N THR A 6 -2.57 -5.20 -16.24
CA THR A 6 -3.89 -4.72 -15.85
C THR A 6 -4.55 -5.75 -14.95
N CYS A 7 -4.89 -5.36 -13.73
CA CYS A 7 -5.44 -6.32 -12.77
C CYS A 7 -6.73 -6.96 -13.26
N GLY A 8 -7.60 -6.13 -13.81
CA GLY A 8 -9.00 -6.50 -14.06
C GLY A 8 -9.88 -5.83 -13.03
N ALA A 9 -11.04 -5.37 -13.47
CA ALA A 9 -11.91 -4.57 -12.60
C ALA A 9 -12.33 -5.31 -11.34
N ASN A 10 -12.04 -4.69 -10.20
CA ASN A 10 -12.48 -5.18 -8.88
C ASN A 10 -11.92 -6.53 -8.50
N THR A 11 -10.78 -6.89 -9.07
CA THR A 11 -10.12 -8.13 -8.75
C THR A 11 -9.22 -8.01 -7.52
N VAL A 12 -9.03 -6.77 -7.04
CA VAL A 12 -8.23 -6.47 -5.86
C VAL A 12 -9.15 -5.69 -4.93
N PRO A 13 -10.07 -6.39 -4.25
CA PRO A 13 -11.24 -5.70 -3.68
C PRO A 13 -10.96 -4.87 -2.43
N TYR A 14 -9.77 -5.06 -1.87
CA TYR A 14 -9.30 -4.31 -0.71
C TYR A 14 -8.52 -3.05 -1.11
N GLN A 15 -8.24 -2.87 -2.40
CA GLN A 15 -7.49 -1.70 -2.85
C GLN A 15 -8.37 -0.48 -2.83
N VAL A 16 -7.88 0.58 -2.18
N VAL A 16 -7.91 0.58 -2.17
CA VAL A 16 -8.57 1.86 -2.17
CA VAL A 16 -8.64 1.84 -2.25
C VAL A 16 -7.73 2.92 -2.89
C VAL A 16 -7.75 2.91 -2.88
N SER A 17 -8.42 3.94 -3.39
CA SER A 17 -7.79 5.16 -3.86
C SER A 17 -8.11 6.27 -2.87
N LEU A 18 -7.09 6.98 -2.43
CA LEU A 18 -7.28 8.18 -1.61
C LEU A 18 -7.34 9.38 -2.54
N ASN A 19 -8.41 10.16 -2.40
CA ASN A 19 -8.72 11.23 -3.33
C ASN A 19 -8.86 12.55 -2.57
N SER A 20 -8.16 13.58 -3.03
CA SER A 20 -8.33 14.93 -2.49
C SER A 20 -8.57 15.92 -3.64
N GLY A 21 -9.49 15.54 -4.52
CA GLY A 21 -9.71 16.24 -5.79
C GLY A 21 -9.14 15.48 -6.98
N TYR A 22 -8.35 14.45 -6.68
CA TYR A 22 -7.58 13.64 -7.62
C TYR A 22 -7.03 12.49 -6.78
N HIS A 23 -6.73 11.37 -7.44
CA HIS A 23 -6.03 10.28 -6.80
C HIS A 23 -4.64 10.74 -6.37
N PHE A 24 -4.25 10.46 -5.13
CA PHE A 24 -2.87 10.76 -4.69
C PHE A 24 -2.16 9.62 -3.97
N CYS A 25 -2.86 8.58 -3.57
CA CYS A 25 -2.24 7.47 -2.84
C CYS A 25 -3.17 6.30 -2.86
N GLY A 26 -2.61 5.11 -2.67
CA GLY A 26 -3.40 3.95 -2.41
C GLY A 26 -3.59 3.69 -0.93
N GLY A 27 -4.33 2.63 -0.64
CA GLY A 27 -4.54 2.16 0.72
C GLY A 27 -5.19 0.81 0.65
N SER A 28 -5.39 0.20 1.82
CA SER A 28 -5.96 -1.14 1.95
C SER A 28 -7.08 -1.13 2.98
N LEU A 29 -8.24 -1.63 2.59
CA LEU A 29 -9.38 -1.74 3.49
C LEU A 29 -9.14 -2.93 4.43
N ILE A 30 -9.13 -2.67 5.73
CA ILE A 30 -8.86 -3.75 6.70
C ILE A 30 -10.07 -4.16 7.55
N ASN A 31 -11.10 -3.32 7.57
CA ASN A 31 -12.42 -3.72 8.06
C ASN A 31 -13.42 -2.72 7.48
N SER A 32 -14.70 -2.81 7.84
CA SER A 32 -15.69 -1.95 7.18
C SER A 32 -15.46 -0.46 7.42
N GLN A 33 -14.68 -0.08 8.43
CA GLN A 33 -14.53 1.32 8.81
C GLN A 33 -13.11 1.86 8.72
N TRP A 34 -12.13 1.04 8.37
CA TRP A 34 -10.73 1.43 8.51
C TRP A 34 -9.88 1.04 7.32
N VAL A 35 -9.01 1.96 6.94
CA VAL A 35 -8.05 1.81 5.86
C VAL A 35 -6.64 2.00 6.43
N VAL A 36 -5.71 1.15 5.96
N VAL A 36 -5.70 1.20 5.95
CA VAL A 36 -4.27 1.27 6.20
CA VAL A 36 -4.32 1.44 6.31
C VAL A 36 -3.61 1.92 4.99
C VAL A 36 -3.54 1.86 5.06
N SER A 37 -2.74 2.90 5.23
CA SER A 37 -1.98 3.50 4.15
C SER A 37 -0.59 3.87 4.69
N ALA A 38 0.18 4.62 3.90
CA ALA A 38 1.49 5.09 4.31
C ALA A 38 1.34 6.42 5.05
N ALA A 39 2.14 6.64 6.08
CA ALA A 39 2.17 7.92 6.76
C ALA A 39 2.55 9.07 5.83
N HIS A 40 3.39 8.80 4.82
CA HIS A 40 3.77 9.86 3.90
C HIS A 40 2.59 10.28 2.98
N CYS A 41 1.48 9.54 3.04
CA CYS A 41 0.24 9.91 2.35
C CYS A 41 -0.64 10.86 3.17
N TYR A 42 -0.24 11.19 4.40
CA TYR A 42 -1.07 12.06 5.22
C TYR A 42 -1.34 13.40 4.57
N LYS A 43 -2.60 13.81 4.59
CA LYS A 43 -3.04 15.17 4.33
C LYS A 43 -4.46 15.29 4.87
N SER A 44 -4.98 16.50 4.95
CA SER A 44 -6.39 16.68 5.33
C SER A 44 -7.27 16.56 4.08
N GLY A 45 -8.58 16.41 4.29
CA GLY A 45 -9.54 16.41 3.19
C GLY A 45 -9.51 15.17 2.32
N ILE A 46 -9.32 14.01 2.95
CA ILE A 46 -9.27 12.76 2.24
C ILE A 46 -10.66 12.16 2.03
N GLN A 47 -10.95 11.80 0.79
CA GLN A 47 -12.09 10.95 0.47
C GLN A 47 -11.55 9.58 0.06
N VAL A 48 -12.03 8.55 0.73
CA VAL A 48 -11.65 7.18 0.40
C VAL A 48 -12.58 6.66 -0.71
N ARG A 49 -11.99 6.14 -1.77
CA ARG A 49 -12.75 5.61 -2.90
C ARG A 49 -12.51 4.13 -2.99
N LEU A 50 -13.57 3.37 -2.69
N LEU A 50 -13.57 3.37 -2.69
CA LEU A 50 -13.56 1.91 -2.70
CA LEU A 50 -13.57 1.92 -2.69
C LEU A 50 -14.27 1.42 -3.96
C LEU A 50 -14.22 1.44 -3.98
N GLY A 51 -13.96 0.18 -4.34
CA GLY A 51 -14.61 -0.41 -5.52
C GLY A 51 -14.21 0.20 -6.85
N GLU A 52 -13.03 0.82 -6.88
CA GLU A 52 -12.55 1.49 -8.09
C GLU A 52 -11.83 0.56 -9.04
N ASP A 53 -12.06 0.75 -10.33
CA ASP A 53 -11.13 0.30 -11.37
C ASP A 53 -10.62 1.53 -12.12
N ASN A 54 -11.39 2.03 -13.08
CA ASN A 54 -11.03 3.28 -13.74
C ASN A 54 -11.33 4.44 -12.78
N ILE A 55 -10.29 5.11 -12.31
CA ILE A 55 -10.47 6.19 -11.34
C ILE A 55 -11.04 7.48 -11.95
N ASN A 56 -11.13 7.54 -13.28
CA ASN A 56 -11.70 8.70 -13.95
C ASN A 56 -13.13 8.52 -14.44
N VAL A 57 -13.72 7.34 -14.25
CA VAL A 57 -15.05 7.01 -14.75
C VAL A 57 -15.84 6.35 -13.65
N VAL A 58 -17.09 6.78 -13.45
CA VAL A 58 -17.97 6.10 -12.51
C VAL A 58 -18.55 4.88 -13.21
N GLU A 59 -18.09 3.71 -12.80
CA GLU A 59 -18.41 2.45 -13.46
C GLU A 59 -19.50 1.64 -12.76
N GLY A 60 -19.80 1.97 -11.51
CA GLY A 60 -20.98 1.41 -10.85
C GLY A 60 -20.74 0.59 -9.60
N ASN A 61 -19.49 0.33 -9.24
CA ASN A 61 -19.20 -0.43 -8.03
C ASN A 61 -18.50 0.39 -6.96
N GLU A 62 -18.36 1.68 -7.19
CA GLU A 62 -17.66 2.55 -6.25
C GLU A 62 -18.46 2.84 -5.00
N GLN A 63 -17.74 3.06 -3.91
CA GLN A 63 -18.26 3.70 -2.72
C GLN A 63 -17.30 4.83 -2.37
N PHE A 64 -17.82 6.04 -2.24
CA PHE A 64 -17.01 7.21 -1.92
C PHE A 64 -17.36 7.62 -0.50
N ILE A 65 -16.40 7.57 0.41
CA ILE A 65 -16.65 7.83 1.83
C ILE A 65 -15.54 8.71 2.39
N SER A 66 -15.92 9.84 2.97
CA SER A 66 -14.94 10.76 3.55
C SER A 66 -14.30 10.18 4.80
N ALA A 67 -13.04 10.53 5.03
CA ALA A 67 -12.35 10.19 6.26
C ALA A 67 -12.86 11.05 7.42
N SER A 68 -13.09 10.43 8.58
N SER A 68 -13.09 10.41 8.56
CA SER A 68 -13.42 11.18 9.79
CA SER A 68 -13.44 11.09 9.80
C SER A 68 -12.22 11.45 10.67
C SER A 68 -12.22 11.45 10.63
N LYS A 69 -11.19 10.62 10.54
CA LYS A 69 -9.98 10.76 11.35
C LYS A 69 -8.84 10.06 10.64
N SER A 70 -7.65 10.64 10.69
N SER A 70 -7.66 10.64 10.73
CA SER A 70 -6.45 9.93 10.30
CA SER A 70 -6.42 10.01 10.30
C SER A 70 -5.52 9.89 11.49
C SER A 70 -5.47 9.93 11.48
N ILE A 71 -4.79 8.80 11.60
CA ILE A 71 -3.84 8.57 12.68
C ILE A 71 -2.52 8.12 12.08
N VAL A 72 -1.56 9.03 12.03
CA VAL A 72 -0.20 8.69 11.63
C VAL A 72 0.49 7.97 12.78
N HIS A 73 1.31 6.97 12.47
CA HIS A 73 2.00 6.24 13.52
C HIS A 73 2.76 7.20 14.44
N PRO A 74 2.70 6.97 15.76
CA PRO A 74 3.34 7.90 16.69
C PRO A 74 4.84 8.10 16.45
N SER A 75 5.51 7.09 15.90
CA SER A 75 6.94 7.13 15.69
C SER A 75 7.37 7.36 14.24
N TYR A 76 6.43 7.74 13.38
CA TYR A 76 6.79 8.02 12.00
C TYR A 76 7.83 9.13 11.92
N ASN A 77 8.91 8.87 11.15
CA ASN A 77 9.92 9.86 10.87
C ASN A 77 9.90 10.11 9.36
N SER A 78 9.51 11.33 8.96
CA SER A 78 9.35 11.65 7.54
C SER A 78 10.67 11.79 6.78
N ASN A 79 11.79 11.94 7.49
CA ASN A 79 13.10 11.97 6.83
C ASN A 79 13.58 10.57 6.43
N THR A 80 13.47 9.62 7.36
CA THR A 80 13.97 8.27 7.13
C THR A 80 12.89 7.33 6.60
N LEU A 81 11.63 7.75 6.72
CA LEU A 81 10.44 6.94 6.44
C LEU A 81 10.31 5.72 7.36
N ASN A 82 11.01 5.73 8.50
CA ASN A 82 10.77 4.69 9.49
C ASN A 82 9.36 4.81 10.06
N ASN A 83 8.68 3.67 10.18
CA ASN A 83 7.29 3.61 10.66
C ASN A 83 6.31 4.32 9.71
N ASP A 84 6.46 4.04 8.43
CA ASP A 84 5.65 4.68 7.40
C ASP A 84 4.29 3.99 7.27
N ILE A 85 3.41 4.30 8.22
CA ILE A 85 2.10 3.69 8.30
C ILE A 85 1.12 4.68 8.93
N MET A 86 -0.11 4.64 8.46
N MET A 86 -0.11 4.66 8.45
CA MET A 86 -1.18 5.52 8.88
CA MET A 86 -1.18 5.47 9.02
C MET A 86 -2.47 4.71 8.86
C MET A 86 -2.51 4.80 8.81
N LEU A 87 -3.40 5.04 9.76
CA LEU A 87 -4.75 4.52 9.74
C LEU A 87 -5.72 5.64 9.43
N ILE A 88 -6.74 5.32 8.63
CA ILE A 88 -7.78 6.27 8.26
C ILE A 88 -9.12 5.64 8.60
N LYS A 89 -9.92 6.35 9.39
CA LYS A 89 -11.27 5.90 9.71
C LYS A 89 -12.27 6.55 8.76
N LEU A 90 -13.19 5.73 8.28
CA LEU A 90 -14.26 6.18 7.39
C LEU A 90 -15.43 6.76 8.18
N LYS A 91 -16.03 7.83 7.66
CA LYS A 91 -17.20 8.46 8.31
C LYS A 91 -18.38 7.51 8.46
N SER A 92 -18.52 6.58 7.52
CA SER A 92 -19.56 5.55 7.56
C SER A 92 -18.93 4.24 7.12
N ALA A 93 -19.54 3.13 7.53
CA ALA A 93 -19.01 1.82 7.19
C ALA A 93 -19.24 1.51 5.73
N ALA A 94 -18.22 0.98 5.08
CA ALA A 94 -18.35 0.48 3.72
C ALA A 94 -19.26 -0.74 3.70
N SER A 95 -20.02 -0.86 2.62
N SER A 95 -20.01 -0.88 2.61
CA SER A 95 -20.81 -2.05 2.36
CA SER A 95 -20.84 -2.07 2.38
C SER A 95 -19.85 -3.07 1.78
C SER A 95 -19.99 -3.13 1.72
N LEU A 96 -19.71 -4.20 2.45
CA LEU A 96 -18.80 -5.25 1.98
C LEU A 96 -19.50 -6.25 1.08
N ASN A 97 -18.85 -6.57 -0.03
CA ASN A 97 -19.34 -7.46 -1.06
C ASN A 97 -18.12 -8.07 -1.77
N SER A 98 -18.34 -8.81 -2.85
N SER A 98 -18.32 -8.82 -2.85
CA SER A 98 -17.25 -9.46 -3.57
CA SER A 98 -17.17 -9.48 -3.51
C SER A 98 -16.21 -8.46 -4.10
C SER A 98 -16.21 -8.50 -4.19
N ARG A 99 -16.69 -7.28 -4.47
CA ARG A 99 -15.85 -6.26 -5.11
C ARG A 99 -15.28 -5.24 -4.14
N VAL A 100 -15.80 -5.21 -2.91
CA VAL A 100 -15.30 -4.34 -1.87
C VAL A 100 -15.18 -5.20 -0.62
N ALA A 101 -13.94 -5.50 -0.24
CA ALA A 101 -13.69 -6.50 0.78
C ALA A 101 -12.45 -6.12 1.55
N SER A 102 -12.42 -6.48 2.83
N SER A 102 -12.43 -6.49 2.83
CA SER A 102 -11.25 -6.22 3.64
CA SER A 102 -11.25 -6.29 3.66
C SER A 102 -10.18 -7.30 3.45
C SER A 102 -10.15 -7.28 3.31
N ILE A 103 -8.92 -6.91 3.66
CA ILE A 103 -7.77 -7.82 3.61
C ILE A 103 -7.32 -8.11 5.03
N SER A 104 -7.05 -9.39 5.30
N SER A 104 -7.05 -9.39 5.31
CA SER A 104 -6.60 -9.84 6.62
CA SER A 104 -6.59 -9.82 6.62
C SER A 104 -5.22 -9.30 6.98
C SER A 104 -5.22 -9.27 6.97
N LEU A 105 -5.05 -8.93 8.24
CA LEU A 105 -3.74 -8.60 8.77
C LEU A 105 -2.95 -9.87 8.97
N PRO A 106 -1.62 -9.78 8.91
CA PRO A 106 -0.81 -10.98 9.12
C PRO A 106 -0.81 -11.42 10.59
N THR A 107 -0.69 -12.72 10.81
CA THR A 107 -0.49 -13.24 12.16
C THR A 107 0.99 -13.55 12.35
N SER A 108 1.70 -13.68 11.24
CA SER A 108 3.14 -13.84 11.26
C SER A 108 3.73 -13.12 10.06
N CYS A 109 4.99 -12.73 10.19
CA CYS A 109 5.72 -12.04 9.14
C CYS A 109 6.02 -12.99 7.98
N ALA A 110 6.23 -12.43 6.80
CA ALA A 110 6.55 -13.20 5.59
C ALA A 110 8.04 -13.22 5.31
N SER A 111 8.52 -14.32 4.76
CA SER A 111 9.93 -14.55 4.53
C SER A 111 10.36 -14.12 3.12
N ALA A 112 11.65 -13.83 2.98
CA ALA A 112 12.23 -13.67 1.67
C ALA A 112 11.86 -14.86 0.79
N GLY A 113 11.55 -14.55 -0.47
CA GLY A 113 11.12 -15.55 -1.42
C GLY A 113 9.62 -15.70 -1.54
N THR A 114 8.87 -15.20 -0.56
CA THR A 114 7.42 -15.24 -0.61
C THR A 114 6.92 -14.38 -1.78
N GLN A 115 6.00 -14.95 -2.55
CA GLN A 115 5.38 -14.25 -3.66
C GLN A 115 4.25 -13.36 -3.18
N CYS A 116 4.23 -12.12 -3.67
CA CYS A 116 3.24 -11.14 -3.26
C CYS A 116 2.61 -10.44 -4.47
N LEU A 117 1.50 -9.77 -4.21
CA LEU A 117 0.81 -8.96 -5.20
C LEU A 117 0.82 -7.51 -4.75
N ILE A 118 1.37 -6.65 -5.61
CA ILE A 118 1.47 -5.22 -5.38
C ILE A 118 0.57 -4.53 -6.40
N SER A 119 -0.18 -3.51 -5.99
CA SER A 119 -1.14 -2.90 -6.90
C SER A 119 -1.26 -1.41 -6.68
N GLY A 120 -1.67 -0.70 -7.73
CA GLY A 120 -1.91 0.71 -7.64
C GLY A 120 -2.12 1.41 -8.96
N TRP A 121 -2.39 2.71 -8.85
CA TRP A 121 -2.62 3.60 -9.98
C TRP A 121 -1.43 4.54 -10.21
N GLY A 122 -0.26 4.15 -9.74
CA GLY A 122 0.92 4.97 -9.92
C GLY A 122 1.49 4.96 -11.33
N ASN A 123 2.53 5.76 -11.49
CA ASN A 123 3.28 5.90 -12.74
C ASN A 123 3.67 4.52 -13.29
N THR A 124 3.49 4.35 -14.60
CA THR A 124 3.86 3.11 -15.27
C THR A 124 5.19 3.21 -16.03
N LYS A 125 5.85 4.36 -15.95
CA LYS A 125 7.14 4.57 -16.62
C LYS A 125 8.31 4.73 -15.64
N SER A 126 9.46 4.16 -15.99
CA SER A 126 10.68 4.25 -15.17
C SER A 126 11.50 5.48 -15.56
N SER A 127 11.37 5.87 -16.82
CA SER A 127 11.87 7.15 -17.31
C SER A 127 10.72 7.83 -18.03
N GLY A 128 10.36 9.02 -17.55
CA GLY A 128 9.18 9.70 -18.03
C GLY A 128 8.00 9.42 -17.13
N THR A 129 6.81 9.79 -17.59
CA THR A 129 5.64 9.79 -16.74
C THR A 129 4.39 9.43 -17.54
N SER A 130 3.65 8.43 -17.04
CA SER A 130 2.36 8.07 -17.58
C SER A 130 1.55 7.46 -16.46
N TYR A 131 0.38 8.05 -16.22
CA TYR A 131 -0.48 7.60 -15.14
C TYR A 131 -1.70 6.90 -15.71
N PRO A 132 -1.94 5.67 -15.26
CA PRO A 132 -3.03 4.88 -15.78
C PRO A 132 -4.38 5.26 -15.17
N ASP A 133 -5.43 4.89 -15.88
CA ASP A 133 -6.77 5.02 -15.36
C ASP A 133 -7.19 3.80 -14.56
N VAL A 134 -6.83 2.62 -15.04
CA VAL A 134 -7.24 1.38 -14.41
C VAL A 134 -6.15 0.83 -13.51
N LEU A 135 -6.57 -0.03 -12.59
CA LEU A 135 -5.64 -0.55 -11.58
C LEU A 135 -4.62 -1.49 -12.20
N LYS A 136 -3.35 -1.29 -11.84
CA LYS A 136 -2.26 -2.14 -12.28
C LYS A 136 -1.76 -3.01 -11.13
N CYS A 137 -1.23 -4.17 -11.53
CA CYS A 137 -0.81 -5.23 -10.62
C CYS A 137 0.59 -5.69 -10.97
N LEU A 138 1.31 -6.16 -9.95
CA LEU A 138 2.64 -6.72 -10.12
C LEU A 138 2.82 -7.87 -9.14
N LYS A 139 3.21 -9.03 -9.65
CA LYS A 139 3.63 -10.14 -8.80
C LYS A 139 5.13 -9.98 -8.55
N ALA A 140 5.53 -10.05 -7.28
CA ALA A 140 6.92 -9.81 -6.91
C ALA A 140 7.26 -10.57 -5.65
N PRO A 141 8.50 -11.08 -5.56
CA PRO A 141 8.93 -11.74 -4.35
C PRO A 141 9.55 -10.79 -3.34
N ILE A 142 9.38 -11.12 -2.07
CA ILE A 142 10.14 -10.47 -1.01
C ILE A 142 11.61 -10.83 -1.15
N LEU A 143 12.48 -9.85 -1.00
CA LEU A 143 13.92 -10.05 -1.11
C LEU A 143 14.53 -10.21 0.28
N SER A 144 15.68 -10.87 0.34
CA SER A 144 16.38 -11.06 1.59
C SER A 144 16.75 -9.74 2.22
N ASP A 145 16.80 -9.73 3.55
CA ASP A 145 17.26 -8.56 4.29
C ASP A 145 18.66 -8.12 3.84
N SER A 146 19.55 -9.09 3.64
N SER A 146 19.52 -9.11 3.57
CA SER A 146 20.92 -8.75 3.28
CA SER A 146 20.86 -8.86 3.05
C SER A 146 20.97 -8.06 1.91
C SER A 146 20.88 -8.15 1.69
N SER A 147 20.18 -8.54 0.96
N SER A 147 20.08 -8.64 0.75
CA SER A 147 20.18 -7.92 -0.37
CA SER A 147 20.00 -7.98 -0.55
C SER A 147 19.47 -6.56 -0.37
C SER A 147 19.47 -6.56 -0.38
N CYS A 148 18.47 -6.39 0.49
CA CYS A 148 17.81 -5.11 0.68
C CYS A 148 18.80 -4.08 1.25
N LYS A 149 19.53 -4.48 2.28
CA LYS A 149 20.53 -3.62 2.91
C LYS A 149 21.71 -3.31 1.99
N SER A 150 22.10 -4.29 1.18
N SER A 150 22.09 -4.27 1.16
CA SER A 150 23.14 -4.06 0.18
CA SER A 150 23.15 -4.06 0.18
C SER A 150 22.70 -3.02 -0.84
C SER A 150 22.72 -3.09 -0.93
N ALA A 151 21.44 -3.10 -1.27
CA ALA A 151 20.89 -2.17 -2.26
C ALA A 151 20.82 -0.74 -1.72
N TYR A 152 20.51 -0.61 -0.43
CA TYR A 152 20.28 0.67 0.20
C TYR A 152 21.08 0.80 1.50
N PRO A 153 22.41 0.91 1.39
CA PRO A 153 23.26 1.05 2.57
C PRO A 153 22.76 2.15 3.50
N GLY A 154 22.66 1.81 4.78
CA GLY A 154 22.33 2.78 5.81
C GLY A 154 20.88 3.23 5.88
N GLN A 155 19.99 2.61 5.10
CA GLN A 155 18.61 3.11 5.01
C GLN A 155 17.50 2.13 5.41
N ILE A 156 17.82 0.85 5.53
CA ILE A 156 16.78 -0.15 5.77
C ILE A 156 16.70 -0.46 7.25
N THR A 157 15.54 -0.16 7.85
CA THR A 157 15.32 -0.45 9.25
C THR A 157 14.59 -1.78 9.39
N SER A 158 14.43 -2.22 10.63
CA SER A 158 13.68 -3.43 10.93
C SER A 158 12.19 -3.32 10.59
N ASN A 159 11.72 -2.13 10.23
CA ASN A 159 10.33 -1.90 9.87
C ASN A 159 10.12 -1.81 8.36
N MET A 160 11.10 -2.28 7.60
CA MET A 160 11.09 -2.20 6.15
C MET A 160 11.52 -3.52 5.53
N PHE A 161 10.97 -3.82 4.36
CA PHE A 161 11.50 -4.90 3.54
C PHE A 161 11.50 -4.49 2.08
N CYS A 162 12.36 -5.12 1.31
CA CYS A 162 12.39 -4.93 -0.13
C CYS A 162 11.62 -6.04 -0.82
N ALA A 163 11.01 -5.71 -1.95
CA ALA A 163 10.38 -6.71 -2.80
C ALA A 163 10.54 -6.26 -4.23
N GLY A 164 10.64 -7.22 -5.14
CA GLY A 164 10.78 -6.89 -6.54
C GLY A 164 11.91 -7.66 -7.16
N TYR A 165 12.65 -6.96 -8.03
CA TYR A 165 13.55 -7.59 -8.99
C TYR A 165 14.80 -6.76 -9.09
N LEU A 166 15.93 -7.33 -8.67
CA LEU A 166 17.19 -6.60 -8.71
C LEU A 166 17.64 -6.24 -10.12
N GLU A 167 17.15 -6.98 -11.12
CA GLU A 167 17.50 -6.70 -12.51
C GLU A 167 16.81 -5.45 -13.06
N GLY A 168 15.81 -4.96 -12.34
CA GLY A 168 15.05 -3.80 -12.79
C GLY A 168 13.90 -4.18 -13.70
N GLY A 169 13.10 -3.17 -14.05
CA GLY A 169 12.04 -3.34 -15.02
C GLY A 169 10.64 -3.52 -14.43
N LYS A 170 10.56 -3.94 -13.17
CA LYS A 170 9.27 -4.24 -12.52
C LYS A 170 9.31 -3.70 -11.10
N ASP A 171 8.41 -2.76 -10.77
CA ASP A 171 8.48 -2.09 -9.46
C ASP A 171 7.19 -1.31 -9.23
N SER A 172 6.98 -0.90 -7.98
CA SER A 172 6.00 0.13 -7.70
C SER A 172 6.63 1.49 -8.01
N CYS A 173 5.82 2.55 -7.97
CA CYS A 173 6.31 3.85 -8.37
C CYS A 173 5.48 4.97 -7.73
N GLN A 174 5.78 6.22 -8.10
CA GLN A 174 5.02 7.35 -7.57
C GLN A 174 3.53 7.18 -7.84
N GLY A 175 2.71 7.46 -6.83
CA GLY A 175 1.27 7.28 -6.94
C GLY A 175 0.78 5.93 -6.46
N ASP A 176 1.69 4.97 -6.32
CA ASP A 176 1.37 3.68 -5.69
C ASP A 176 1.47 3.74 -4.18
N SER A 177 2.14 4.77 -3.66
CA SER A 177 2.33 5.04 -2.24
C SER A 177 1.12 4.67 -1.42
N GLY A 178 1.34 3.94 -0.33
CA GLY A 178 0.26 3.61 0.58
C GLY A 178 -0.50 2.36 0.24
N GLY A 179 -0.31 1.84 -0.98
CA GLY A 179 -1.04 0.68 -1.43
C GLY A 179 -0.53 -0.63 -0.88
N PRO A 180 -1.25 -1.71 -1.19
CA PRO A 180 -1.00 -3.02 -0.61
C PRO A 180 0.11 -3.84 -1.24
N VAL A 181 0.76 -4.62 -0.38
CA VAL A 181 1.56 -5.76 -0.75
C VAL A 181 0.92 -6.95 -0.03
N VAL A 182 0.28 -7.83 -0.80
CA VAL A 182 -0.48 -8.95 -0.23
C VAL A 182 0.19 -10.26 -0.58
N CYS A 183 0.42 -11.08 0.43
CA CYS A 183 1.13 -12.35 0.25
C CYS A 183 0.32 -13.41 0.97
N SER A 184 -0.06 -14.47 0.27
CA SER A 184 -0.83 -15.56 0.85
C SER A 184 -2.07 -15.05 1.59
N GLY A 185 -2.73 -14.05 0.99
CA GLY A 185 -3.99 -13.54 1.50
C GLY A 185 -3.88 -12.66 2.72
N LYS A 186 -2.67 -12.16 3.02
CA LYS A 186 -2.43 -11.27 4.16
C LYS A 186 -1.73 -10.00 3.69
N LEU A 187 -2.08 -8.88 4.31
CA LEU A 187 -1.41 -7.62 4.04
C LEU A 187 -0.05 -7.58 4.75
N GLN A 188 1.02 -7.84 4.01
CA GLN A 188 2.36 -7.85 4.59
C GLN A 188 3.11 -6.55 4.40
N GLY A 189 2.75 -5.75 3.40
CA GLY A 189 3.48 -4.53 3.14
C GLY A 189 2.61 -3.39 2.69
N ILE A 190 3.19 -2.19 2.81
CA ILE A 190 2.61 -0.95 2.31
C ILE A 190 3.66 -0.31 1.42
N VAL A 191 3.25 0.14 0.22
CA VAL A 191 4.17 0.83 -0.68
C VAL A 191 4.72 2.07 0.01
N SER A 192 6.04 2.11 0.21
CA SER A 192 6.66 3.14 1.01
C SER A 192 7.64 4.00 0.20
N TRP A 193 8.73 3.43 -0.30
CA TRP A 193 9.70 4.24 -1.01
C TRP A 193 10.58 3.42 -1.93
N GLY A 194 11.47 4.11 -2.63
N GLY A 194 11.49 4.11 -2.62
CA GLY A 194 12.49 3.49 -3.45
CA GLY A 194 12.49 3.49 -3.47
C GLY A 194 13.43 4.58 -3.94
C GLY A 194 13.26 4.62 -4.15
N SER A 195 14.33 4.22 -4.84
N SER A 195 14.44 4.31 -4.68
CA SER A 195 15.15 5.22 -5.50
CA SER A 195 15.19 5.28 -5.46
C SER A 195 14.82 5.19 -6.98
C SER A 195 14.78 5.17 -6.94
N GLY A 196 14.01 6.15 -7.41
CA GLY A 196 13.38 6.06 -8.72
C GLY A 196 12.45 4.84 -8.71
N CYS A 197 12.20 4.28 -9.89
N CYS A 197 12.13 4.30 -9.88
CA CYS A 197 11.34 3.12 -10.05
CA CYS A 197 11.36 3.07 -9.90
C CYS A 197 11.97 2.17 -11.05
C CYS A 197 11.78 2.16 -11.05
N ALA A 198 11.94 0.88 -10.73
CA ALA A 198 12.34 -0.17 -11.66
C ALA A 198 13.80 -0.08 -12.13
N GLN A 199 14.63 0.60 -11.36
CA GLN A 199 16.05 0.69 -11.68
C GLN A 199 16.79 -0.55 -11.18
N LYS A 200 17.85 -0.92 -11.89
CA LYS A 200 18.69 -2.04 -11.49
C LYS A 200 19.21 -1.83 -10.07
N ASN A 201 19.15 -2.88 -9.26
CA ASN A 201 19.65 -2.89 -7.88
C ASN A 201 18.99 -1.89 -6.94
N LYS A 202 17.81 -1.41 -7.31
CA LYS A 202 17.05 -0.47 -6.48
C LYS A 202 15.60 -0.91 -6.39
N PRO A 203 15.35 -2.02 -5.66
CA PRO A 203 13.98 -2.54 -5.56
C PRO A 203 13.11 -1.65 -4.69
N GLY A 204 11.81 -1.83 -4.77
CA GLY A 204 10.91 -1.10 -3.90
C GLY A 204 11.09 -1.50 -2.44
N VAL A 205 10.84 -0.52 -1.56
CA VAL A 205 10.90 -0.69 -0.12
C VAL A 205 9.49 -0.49 0.45
N TYR A 206 9.14 -1.36 1.38
CA TYR A 206 7.78 -1.53 1.86
C TYR A 206 7.76 -1.54 3.38
N THR A 207 6.73 -0.92 3.96
CA THR A 207 6.54 -0.96 5.40
C THR A 207 6.18 -2.37 5.82
N LYS A 208 6.84 -2.86 6.86
N LYS A 208 6.85 -2.88 6.85
CA LYS A 208 6.68 -4.24 7.33
CA LYS A 208 6.65 -4.26 7.29
C LYS A 208 5.46 -4.34 8.27
C LYS A 208 5.47 -4.32 8.25
N VAL A 209 4.30 -4.59 7.69
CA VAL A 209 3.02 -4.52 8.41
C VAL A 209 2.95 -5.42 9.63
N CYS A 210 3.57 -6.59 9.58
CA CYS A 210 3.48 -7.50 10.71
C CYS A 210 3.98 -6.88 12.02
N ASN A 211 4.87 -5.89 11.95
CA ASN A 211 5.38 -5.21 13.14
C ASN A 211 4.35 -4.30 13.80
N TYR A 212 3.26 -4.02 13.09
CA TYR A 212 2.29 -3.00 13.50
C TYR A 212 0.93 -3.55 13.85
N VAL A 213 0.77 -4.87 13.82
CA VAL A 213 -0.55 -5.46 14.03
C VAL A 213 -1.14 -5.12 15.40
N SER A 214 -0.32 -5.16 16.44
N SER A 214 -0.33 -5.16 16.46
N SER A 214 -0.31 -5.17 16.44
CA SER A 214 -0.79 -4.81 17.79
CA SER A 214 -0.85 -4.83 17.78
CA SER A 214 -0.77 -4.81 17.79
C SER A 214 -1.26 -3.37 17.87
C SER A 214 -1.24 -3.36 17.92
C SER A 214 -1.28 -3.38 17.82
N TRP A 215 -0.48 -2.46 17.26
CA TRP A 215 -0.85 -1.05 17.23
C TRP A 215 -2.14 -0.84 16.42
N ILE A 216 -2.26 -1.51 15.28
CA ILE A 216 -3.46 -1.39 14.48
C ILE A 216 -4.69 -1.84 15.26
N LYS A 217 -4.59 -3.03 15.85
CA LYS A 217 -5.73 -3.58 16.57
C LYS A 217 -6.14 -2.73 17.76
N GLN A 218 -5.18 -2.27 18.56
N GLN A 218 -5.16 -2.30 18.54
CA GLN A 218 -5.55 -1.47 19.73
CA GLN A 218 -5.41 -1.45 19.71
C GLN A 218 -6.01 -0.05 19.35
C GLN A 218 -6.04 -0.12 19.29
N THR A 219 -5.49 0.48 18.24
CA THR A 219 -5.98 1.77 17.75
C THR A 219 -7.43 1.66 17.30
N ILE A 220 -7.74 0.64 16.52
CA ILE A 220 -9.11 0.42 16.08
C ILE A 220 -10.04 0.22 17.29
N ALA A 221 -9.59 -0.53 18.29
CA ALA A 221 -10.42 -0.86 19.45
C ALA A 221 -10.83 0.35 20.28
N SER A 222 -10.09 1.44 20.17
CA SER A 222 -10.35 2.64 20.97
C SER A 222 -10.67 3.89 20.17
N ASN A 223 -10.86 3.75 18.86
CA ASN A 223 -11.16 4.89 17.99
C ASN A 223 -12.33 4.64 17.07
S DMS B . 13.73 7.58 1.67
S DMS B . 14.67 8.03 2.36
O DMS B . 13.92 7.85 3.16
O DMS B . 13.52 8.98 2.22
C1 DMS B . 12.94 8.99 0.92
C1 DMS B . 14.05 6.49 2.99
C2 DMS B . 15.31 7.61 0.86
C2 DMS B . 15.20 7.52 0.74
S DMS C . 11.30 14.07 11.25
O DMS C . 10.30 13.39 12.14
C1 DMS C . 10.51 15.56 10.68
C2 DMS C . 12.54 14.76 12.29
S DMS D . -14.79 9.88 -11.53
O DMS D . -15.08 9.35 -10.18
C1 DMS D . -16.05 11.03 -12.00
C2 DMS D . -13.47 11.05 -11.34
S DMS E . 18.84 10.37 2.02
O DMS E . 18.86 9.20 1.06
C1 DMS E . 17.18 10.69 2.49
C2 DMS E . 19.39 9.84 3.60
CA CA F . -14.37 4.60 -11.12
C2 I9O G . 6.16 11.46 -3.14
C11 I9O G . 8.24 9.20 -0.82
C13 I9O G . 7.67 10.34 -1.40
C15 I9O G . 6.71 6.45 -3.03
C19 I9O G . 8.23 6.39 -4.98
C22 I9O G . 9.50 5.72 -5.54
C25 I9O G . 9.28 4.25 -5.48
C27 I9O G . 9.45 2.08 -5.78
F1 I9O G . 6.86 12.58 -2.82
F3 I9O G . 6.12 11.35 -4.50
F4 I9O G . 4.89 11.57 -2.67
C5 I9O G . 6.80 10.22 -2.50
C6 I9O G . 6.51 8.96 -3.00
C8 I9O G . 7.07 7.81 -2.44
C9 I9O G . 7.95 7.93 -1.34
N18 I9O G . 7.78 5.72 -3.73
N26 I9O G . 9.98 3.17 -6.11
N29 I9O G . 8.45 2.30 -4.97
C31 I9O G . 8.33 3.59 -4.78
C32 I9O G . 7.32 4.31 -3.94
#